data_1LEJ
#
_entry.id   1LEJ
#
loop_
_entity.id
_entity.type
_entity.pdbx_description
1 polymer "5'-D(*CP*CP*AP*AP*AP*GP*AP*GP*AP*AP*GP*CP*G)-3'"
2 polymer "5'-D(*CP*GP*CP*TP*TP*CP*TP*CP*TP*TP*TP*GP*G)-3'"
3 non-polymer 'IMIDAZOLE-PYRROLE-BETA ALANINE-IMIDAZOLE-BETA ALANINE-IMIDAZOLE-PYRROLE-BETA ALANINE-DIMETHYLAMINO PROPYLAMIDE'
#
loop_
_entity_poly.entity_id
_entity_poly.type
_entity_poly.pdbx_seq_one_letter_code
_entity_poly.pdbx_strand_id
1 'polydeoxyribonucleotide' (DC)(DC)(DA)(DA)(DA)(DG)(DA)(DG)(DA)(DA)(DG)(DC)(DG) A
2 'polydeoxyribonucleotide' (DC)(DG)(DC)(DT)(DT)(DC)(DT)(DC)(DT)(DT)(DT)(DG)(DG) B
#